data_7FO9
#
_entry.id   7FO9
#
_cell.length_a   88.638
_cell.length_b   81.971
_cell.length_c   93.141
_cell.angle_alpha   90
_cell.angle_beta   108.14
_cell.angle_gamma   90
#
_symmetry.space_group_name_H-M   'C 1 2 1'
#
loop_
_entity.id
_entity.type
_entity.pdbx_description
1 polymer 'Pre-mRNA-splicing factor 8'
2 polymer 'A1 cistron-splicing factor AAR2'
3 non-polymer N-cyclopropyl-2-(3-fluorophenoxy)acetamide
4 water water
#
loop_
_entity_poly.entity_id
_entity_poly.type
_entity_poly.pdbx_seq_one_letter_code
_entity_poly.pdbx_strand_id
1 'polypeptide(L)'
;GAMNSSNYAELFNNDIKLFVDDTNVYRVTVHKTFEGNVATKAINGCIFTLNPKTGHLFLKIIHTSVWAGQKRLSQLAKWK
TAEEVSALVRSLPKEEQPKQIIVTRKAMLDPLEVHMLDFPNIAIRPTELRLPFSAAMSIDKLSDVVMKATEPQMVLFNIY
DDWLDRISSYTAFSRLTLLLRALKTNEESAKMILLSDPTITIKSYHLWPSFTDEQWITIESQMRDLILTEYGRKYNVNIS
ALTQTEIKDIILGQNIKA
;
A
2 'polypeptide(L)'
;GAMAMNTVPFTSAPIEVTIGIDQYSFNVKENQPFHGIKDIPIGHVHVIHFQHADNSSMRYGYWFDCRMGNFYIQYDPKDG
LYKMMEERDGAKFENIVHNFKERQMMVSYPKIDEDDTWYNLTEFVQMDKIRKIVRKDENQFSYVDSSMTTVQENELSSSS
SDPAHSLNYTVINFKSREAIRPGHEMEDFLDKSYYLNTVMLQGIFKNSSNYFGELQFAFLNAMFFGNYGSSLQWHAMIEL
ICSSATVPKHMLDKLDEILYYQIKTLPEQYSDILLNERVWNICLYSSFQKNSLHNTEKIMENKYPELL
;
B
#
loop_
_chem_comp.id
_chem_comp.type
_chem_comp.name
_chem_comp.formula
VHO non-polymer N-cyclopropyl-2-(3-fluorophenoxy)acetamide 'C11 H12 F N O2'
#
# COMPACT_ATOMS: atom_id res chain seq x y z
N GLY A 1 5.37 0.76 15.85
CA GLY A 1 5.20 1.70 14.75
C GLY A 1 6.22 2.82 14.73
N ALA A 2 5.75 4.05 14.96
CA ALA A 2 6.64 5.20 14.95
C ALA A 2 7.32 5.36 16.30
N MET A 3 8.44 6.07 16.27
CA MET A 3 9.33 6.24 17.42
C MET A 3 9.22 7.68 17.91
N ASN A 4 8.95 7.87 19.20
CA ASN A 4 8.77 9.22 19.75
C ASN A 4 9.21 9.23 21.22
N SER A 5 8.96 10.35 21.89
CA SER A 5 9.48 10.58 23.23
C SER A 5 8.95 9.58 24.25
N SER A 6 7.79 8.99 23.98
CA SER A 6 7.22 8.03 24.91
C SER A 6 8.12 6.81 25.06
N ASN A 7 8.73 6.39 23.95
CA ASN A 7 9.54 5.17 23.95
C ASN A 7 11.01 5.47 23.63
N TYR A 8 11.60 6.46 24.29
CA TYR A 8 12.97 6.88 23.99
C TYR A 8 14.01 5.91 24.59
N ALA A 9 13.71 5.29 25.72
CA ALA A 9 14.61 4.28 26.23
C ALA A 9 14.67 3.00 25.40
N GLU A 10 13.75 2.76 24.48
CA GLU A 10 13.90 1.57 23.63
C GLU A 10 15.24 1.57 22.85
N LEU A 11 15.67 2.73 22.39
CA LEU A 11 16.95 2.87 21.72
C LEU A 11 18.10 2.22 22.47
N PHE A 12 18.06 2.18 23.79
CA PHE A 12 19.21 1.69 24.53
C PHE A 12 18.99 0.32 25.16
N ASN A 13 17.98 -0.39 24.76
CA ASN A 13 17.89 -1.79 25.18
C ASN A 13 18.82 -2.64 24.31
N ASN A 14 18.65 -3.96 24.46
CA ASN A 14 19.59 -4.93 23.91
C ASN A 14 19.10 -5.58 22.62
N ASP A 15 18.11 -4.98 21.97
CA ASP A 15 17.65 -5.40 20.65
C ASP A 15 18.45 -4.56 19.66
N ILE A 16 19.18 -5.20 18.76
CA ILE A 16 20.01 -4.42 17.83
C ILE A 16 19.13 -3.56 16.94
N LYS A 17 19.45 -2.27 16.87
CA LYS A 17 18.75 -1.35 16.02
C LYS A 17 19.73 -0.38 15.38
N LEU A 18 19.34 0.08 14.17
CA LEU A 18 20.03 1.13 13.46
C LEU A 18 19.12 2.26 13.07
N PHE A 19 19.62 3.46 13.25
CA PHE A 19 19.03 4.62 12.63
C PHE A 19 19.64 4.73 11.24
N VAL A 20 18.82 5.10 10.25
CA VAL A 20 19.32 5.46 8.90
C VAL A 20 18.85 6.87 8.53
N ASP A 21 19.80 7.74 8.25
CA ASP A 21 19.53 9.08 7.78
C ASP A 21 20.06 9.23 6.37
N ASP A 22 19.20 9.65 5.46
CA ASP A 22 19.58 9.79 4.04
C ASP A 22 19.76 11.23 3.59
N THR A 23 19.75 12.19 4.53
N THR A 23 19.80 12.20 4.53
CA THR A 23 19.77 13.60 4.14
CA THR A 23 19.77 13.61 4.16
C THR A 23 20.96 13.93 3.24
C THR A 23 21.03 14.09 3.44
N ASN A 24 22.13 13.34 3.52
CA ASN A 24 23.37 13.77 2.90
C ASN A 24 23.78 12.84 1.79
N VAL A 25 22.83 12.05 1.28
CA VAL A 25 23.16 11.07 0.27
C VAL A 25 23.35 11.74 -1.06
N TYR A 26 22.40 12.61 -1.44
CA TYR A 26 22.43 13.37 -2.71
C TYR A 26 22.67 14.85 -2.36
N ARG A 27 23.85 15.33 -2.62
CA ARG A 27 24.21 16.70 -2.29
C ARG A 27 24.61 17.40 -3.57
N VAL A 28 24.21 18.66 -3.71
CA VAL A 28 24.50 19.43 -4.92
C VAL A 28 24.93 20.84 -4.53
N THR A 29 25.69 21.44 -5.44
CA THR A 29 25.86 22.88 -5.48
C THR A 29 25.09 23.37 -6.70
N VAL A 30 24.36 24.46 -6.52
CA VAL A 30 23.57 25.07 -7.57
C VAL A 30 24.34 26.29 -8.09
N HIS A 31 24.42 26.42 -9.41
CA HIS A 31 25.24 27.48 -9.96
C HIS A 31 24.63 27.97 -11.26
N LYS A 32 25.05 29.16 -11.69
CA LYS A 32 24.71 29.67 -13.01
C LYS A 32 25.58 29.06 -14.11
N THR A 33 24.95 28.85 -15.25
CA THR A 33 25.65 28.44 -16.47
C THR A 33 26.01 29.65 -17.33
N PHE A 34 26.92 29.45 -18.29
CA PHE A 34 27.35 30.58 -19.12
C PHE A 34 26.16 31.27 -19.75
N GLU A 35 25.11 30.49 -20.11
CA GLU A 35 23.92 31.04 -20.74
C GLU A 35 22.98 31.68 -19.73
N GLY A 36 23.40 31.83 -18.49
CA GLY A 36 22.54 32.40 -17.47
C GLY A 36 21.45 31.49 -16.95
N ASN A 37 21.49 30.21 -17.29
CA ASN A 37 20.56 29.23 -16.73
C ASN A 37 21.16 28.72 -15.43
N VAL A 38 20.41 27.87 -14.73
CA VAL A 38 20.91 27.30 -13.48
C VAL A 38 21.12 25.81 -13.67
N ALA A 39 22.20 25.31 -13.07
CA ALA A 39 22.56 23.91 -13.14
C ALA A 39 23.00 23.47 -11.75
N THR A 40 22.92 22.16 -11.53
CA THR A 40 23.45 21.55 -10.33
C THR A 40 24.75 20.83 -10.66
N LYS A 41 25.64 20.77 -9.68
CA LYS A 41 26.80 19.89 -9.74
C LYS A 41 26.78 19.02 -8.48
N ALA A 42 26.77 17.70 -8.65
CA ALA A 42 26.66 16.87 -7.42
C ALA A 42 28.00 16.86 -6.72
N ILE A 43 28.00 16.73 -5.40
CA ILE A 43 29.23 16.43 -4.68
C ILE A 43 29.03 15.14 -3.91
N ASN A 44 30.12 14.62 -3.40
CA ASN A 44 30.06 13.33 -2.74
C ASN A 44 29.10 13.40 -1.57
N GLY A 45 28.43 12.30 -1.34
CA GLY A 45 27.53 12.20 -0.20
C GLY A 45 27.82 11.01 0.72
N CYS A 46 26.90 10.72 1.72
CA CYS A 46 27.06 9.60 2.62
C CYS A 46 25.68 9.24 3.17
N ILE A 47 25.55 7.94 3.42
CA ILE A 47 24.48 7.40 4.23
C ILE A 47 25.00 7.34 5.65
N PHE A 48 24.21 7.85 6.57
CA PHE A 48 24.52 7.89 7.99
C PHE A 48 23.67 6.80 8.65
N THR A 49 24.30 5.65 9.00
CA THR A 49 23.68 4.47 9.62
C THR A 49 24.32 4.25 10.99
N LEU A 50 23.54 4.35 12.04
CA LEU A 50 24.13 4.45 13.36
C LEU A 50 23.41 3.56 14.36
N ASN A 51 24.18 2.74 15.06
CA ASN A 51 23.72 1.95 16.21
C ASN A 51 23.76 2.88 17.40
N PRO A 52 22.61 3.27 17.98
CA PRO A 52 22.57 4.26 19.07
C PRO A 52 23.05 3.70 20.39
N LYS A 53 23.05 2.38 20.56
CA LYS A 53 23.56 1.72 21.75
C LYS A 53 25.08 1.65 21.78
N THR A 54 25.73 1.27 20.68
CA THR A 54 27.15 1.05 20.64
C THR A 54 27.88 2.27 20.15
N GLY A 55 27.21 3.13 19.40
CA GLY A 55 27.86 4.23 18.76
C GLY A 55 28.47 3.93 17.41
N HIS A 56 28.34 2.71 16.93
CA HIS A 56 28.96 2.27 15.68
C HIS A 56 28.21 2.96 14.56
N LEU A 57 28.95 3.57 13.66
CA LEU A 57 28.50 4.37 12.55
C LEU A 57 29.08 3.70 11.31
N PHE A 58 28.21 3.19 10.46
CA PHE A 58 28.54 2.64 9.13
C PHE A 58 28.32 3.78 8.16
N LEU A 59 29.40 4.45 7.78
CA LEU A 59 29.34 5.63 6.93
C LEU A 59 29.58 5.14 5.51
N LYS A 60 28.51 5.03 4.72
CA LYS A 60 28.65 4.63 3.32
C LYS A 60 28.80 5.87 2.46
N ILE A 61 29.94 6.01 1.78
CA ILE A 61 30.18 7.22 1.03
C ILE A 61 29.62 6.99 -0.37
N ILE A 62 28.81 7.93 -0.82
CA ILE A 62 28.15 7.92 -2.12
C ILE A 62 29.03 8.81 -2.97
N HIS A 63 29.71 8.22 -3.93
CA HIS A 63 30.51 8.96 -4.90
C HIS A 63 29.65 9.49 -6.04
N THR A 64 29.97 10.71 -6.47
CA THR A 64 29.16 11.38 -7.47
C THR A 64 28.96 10.55 -8.70
N SER A 65 29.89 9.61 -8.98
CA SER A 65 29.80 8.81 -10.21
C SER A 65 28.52 7.98 -10.23
N VAL A 66 27.92 7.70 -9.08
N VAL A 66 27.94 7.73 -9.05
CA VAL A 66 26.69 6.91 -9.06
CA VAL A 66 26.68 6.99 -8.91
C VAL A 66 25.49 7.64 -9.63
C VAL A 66 25.58 7.64 -9.73
N TRP A 67 25.55 8.96 -9.77
CA TRP A 67 24.50 9.71 -10.41
C TRP A 67 24.70 9.88 -11.92
N ALA A 68 25.82 9.45 -12.45
CA ALA A 68 26.12 9.76 -13.88
C ALA A 68 25.03 9.19 -14.77
N GLY A 69 24.40 10.02 -15.58
CA GLY A 69 23.42 9.55 -16.53
C GLY A 69 22.07 9.15 -15.96
N GLN A 70 21.86 9.42 -14.70
CA GLN A 70 20.62 9.05 -14.04
C GLN A 70 19.66 10.23 -14.01
N LYS A 71 18.37 9.91 -13.92
CA LYS A 71 17.25 10.84 -13.85
C LYS A 71 16.60 10.77 -12.47
N ARG A 72 15.90 11.85 -12.10
CA ARG A 72 15.12 11.94 -10.87
C ARG A 72 16.00 11.55 -9.69
N LEU A 73 17.08 12.30 -9.52
CA LEU A 73 18.09 11.86 -8.57
C LEU A 73 17.62 11.93 -7.12
N SER A 74 16.82 12.92 -6.75
CA SER A 74 16.31 12.89 -5.37
C SER A 74 15.53 11.60 -5.08
N GLN A 75 14.79 11.08 -6.06
CA GLN A 75 14.09 9.82 -5.84
C GLN A 75 15.04 8.64 -5.88
N LEU A 76 15.97 8.63 -6.83
CA LEU A 76 16.94 7.54 -6.85
C LEU A 76 17.71 7.48 -5.57
N ALA A 77 18.04 8.62 -4.98
CA ALA A 77 18.82 8.62 -3.76
C ALA A 77 18.15 7.82 -2.68
N LYS A 78 16.82 7.87 -2.58
CA LYS A 78 16.20 7.10 -1.51
C LYS A 78 16.38 5.60 -1.73
N TRP A 79 16.18 5.14 -2.97
CA TRP A 79 16.33 3.72 -3.33
C TRP A 79 17.77 3.27 -3.25
N LYS A 80 18.68 4.16 -3.56
CA LYS A 80 20.11 3.85 -3.43
C LYS A 80 20.49 3.65 -1.97
N THR A 81 19.98 4.53 -1.12
CA THR A 81 20.06 4.39 0.36
C THR A 81 19.56 3.03 0.78
N ALA A 82 18.33 2.70 0.37
CA ALA A 82 17.78 1.42 0.75
C ALA A 82 18.62 0.27 0.23
N GLU A 83 19.05 0.34 -1.02
CA GLU A 83 19.89 -0.73 -1.54
C GLU A 83 21.16 -0.92 -0.70
N GLU A 84 21.82 0.16 -0.33
CA GLU A 84 23.09 0.02 0.39
C GLU A 84 22.90 -0.41 1.84
N VAL A 85 21.78 0.00 2.45
CA VAL A 85 21.47 -0.49 3.81
C VAL A 85 21.15 -1.98 3.76
N SER A 86 20.39 -2.38 2.76
N SER A 86 20.34 -2.38 2.77
CA SER A 86 20.09 -3.80 2.63
CA SER A 86 20.04 -3.80 2.54
C SER A 86 21.36 -4.60 2.36
C SER A 86 21.33 -4.60 2.32
N ALA A 87 22.27 -4.05 1.55
CA ALA A 87 23.55 -4.72 1.33
C ALA A 87 24.34 -4.87 2.64
N LEU A 88 24.34 -3.85 3.48
CA LEU A 88 25.04 -3.88 4.77
C LEU A 88 24.48 -4.97 5.67
N VAL A 89 23.14 -5.02 5.76
CA VAL A 89 22.52 -6.01 6.62
C VAL A 89 22.93 -7.37 6.15
N ARG A 90 22.89 -7.59 4.83
CA ARG A 90 23.21 -8.92 4.32
C ARG A 90 24.67 -9.29 4.59
N SER A 91 25.55 -8.30 4.68
CA SER A 91 26.95 -8.61 4.98
C SER A 91 27.20 -8.92 6.45
N LEU A 92 26.28 -8.62 7.32
CA LEU A 92 26.54 -8.81 8.73
C LEU A 92 26.16 -10.23 9.14
N PRO A 93 26.90 -10.86 10.03
CA PRO A 93 26.43 -12.13 10.56
C PRO A 93 25.03 -11.97 11.15
N LYS A 94 24.29 -13.09 11.12
CA LYS A 94 22.89 -13.05 11.53
C LYS A 94 22.74 -12.49 12.93
N GLU A 95 23.62 -12.91 13.85
CA GLU A 95 23.51 -12.38 15.20
C GLU A 95 23.89 -10.91 15.27
N GLU A 96 24.42 -10.29 14.21
CA GLU A 96 24.66 -8.86 14.22
C GLU A 96 23.64 -8.05 13.45
N GLN A 97 22.73 -8.69 12.73
CA GLN A 97 21.72 -7.97 12.01
C GLN A 97 20.72 -7.28 12.94
N PRO A 98 20.29 -6.08 12.55
CA PRO A 98 19.36 -5.34 13.39
C PRO A 98 18.03 -6.02 13.44
N LYS A 99 17.34 -5.88 14.56
N LYS A 99 17.35 -5.86 14.55
CA LYS A 99 15.95 -6.28 14.61
CA LYS A 99 15.96 -6.27 14.66
C LYS A 99 15.00 -5.19 14.13
C LYS A 99 15.00 -5.19 14.18
N GLN A 100 15.44 -3.93 14.20
CA GLN A 100 14.68 -2.78 13.73
C GLN A 100 15.62 -1.84 12.98
N ILE A 101 15.12 -1.26 11.90
CA ILE A 101 15.77 -0.10 11.29
C ILE A 101 14.85 1.09 11.37
N ILE A 102 15.33 2.18 11.95
CA ILE A 102 14.55 3.39 12.12
C ILE A 102 15.03 4.46 11.14
N VAL A 103 14.12 4.93 10.31
CA VAL A 103 14.52 5.86 9.27
C VAL A 103 14.19 7.25 9.75
N THR A 104 15.07 8.19 9.48
CA THR A 104 14.76 9.51 10.01
C THR A 104 13.77 10.30 9.17
N ARG A 105 13.49 9.87 7.93
CA ARG A 105 12.51 10.52 7.07
C ARG A 105 11.54 9.49 6.52
N LYS A 106 10.24 9.82 6.53
CA LYS A 106 9.19 8.86 6.20
C LYS A 106 9.30 8.40 4.74
N ALA A 107 9.89 9.24 3.90
CA ALA A 107 10.04 8.87 2.50
C ALA A 107 10.99 7.73 2.35
N MET A 108 11.75 7.37 3.37
CA MET A 108 12.60 6.20 3.22
C MET A 108 11.85 4.91 3.51
N LEU A 109 10.65 4.96 4.03
CA LEU A 109 10.03 3.73 4.50
C LEU A 109 9.78 2.73 3.36
N ASP A 110 9.12 3.18 2.30
CA ASP A 110 8.78 2.25 1.23
C ASP A 110 10.06 1.75 0.55
N PRO A 111 10.99 2.62 0.17
CA PRO A 111 12.25 2.12 -0.45
C PRO A 111 12.93 1.12 0.42
N LEU A 112 12.98 1.33 1.73
CA LEU A 112 13.67 0.34 2.55
C LEU A 112 12.85 -0.94 2.68
N GLU A 113 11.56 -0.82 2.96
CA GLU A 113 10.73 -2.01 3.08
C GLU A 113 10.84 -2.91 1.86
N VAL A 114 10.79 -2.35 0.66
CA VAL A 114 10.91 -3.16 -0.56
C VAL A 114 12.27 -3.85 -0.62
N HIS A 115 13.35 -3.11 -0.37
CA HIS A 115 14.67 -3.75 -0.39
C HIS A 115 14.86 -4.85 0.66
N MET A 116 14.07 -4.82 1.73
CA MET A 116 14.27 -5.76 2.82
C MET A 116 13.14 -6.79 2.92
N LEU A 117 12.39 -6.97 1.82
CA LEU A 117 11.35 -7.98 1.78
C LEU A 117 11.91 -9.32 2.16
N ASP A 118 13.18 -9.57 1.87
CA ASP A 118 13.86 -10.80 2.24
C ASP A 118 14.04 -10.95 3.74
N PHE A 119 13.83 -9.88 4.53
CA PHE A 119 14.05 -9.89 5.98
C PHE A 119 12.76 -9.51 6.70
N PRO A 120 11.73 -10.35 6.60
CA PRO A 120 10.40 -9.98 7.14
C PRO A 120 10.37 -9.79 8.64
N ASN A 121 11.36 -10.33 9.36
CA ASN A 121 11.47 -10.15 10.79
C ASN A 121 12.17 -8.85 11.18
N ILE A 122 12.62 -8.05 10.23
CA ILE A 122 13.27 -6.80 10.58
C ILE A 122 12.25 -5.69 10.47
N ALA A 123 11.97 -5.02 11.56
CA ALA A 123 10.96 -3.98 11.54
C ALA A 123 11.53 -2.68 10.99
N ILE A 124 10.86 -2.09 9.98
CA ILE A 124 11.22 -0.80 9.42
C ILE A 124 10.29 0.23 10.03
N ARG A 125 10.85 1.28 10.67
CA ARG A 125 10.07 2.20 11.48
C ARG A 125 10.39 3.66 11.21
N PRO A 126 9.37 4.52 11.21
CA PRO A 126 9.61 5.97 11.23
C PRO A 126 9.89 6.44 12.66
N THR A 127 10.10 7.75 12.78
CA THR A 127 10.24 8.40 14.08
C THR A 127 9.63 9.79 14.01
N GLU A 128 9.07 10.23 15.14
N GLU A 128 9.08 10.24 15.14
CA GLU A 128 8.59 11.59 15.32
CA GLU A 128 8.62 11.61 15.24
C GLU A 128 9.66 12.53 15.84
C GLU A 128 9.67 12.55 15.83
N LEU A 129 10.79 12.01 16.30
CA LEU A 129 11.90 12.86 16.72
C LEU A 129 12.45 13.63 15.52
N ARG A 130 12.86 14.87 15.78
CA ARG A 130 13.53 15.71 14.78
C ARG A 130 15.03 15.64 15.04
N LEU A 131 15.62 14.53 14.64
CA LEU A 131 17.00 14.24 15.00
C LEU A 131 17.99 15.01 14.12
N PRO A 132 19.08 15.47 14.65
CA PRO A 132 19.95 16.38 13.88
C PRO A 132 21.05 15.71 13.02
N PHE A 133 20.77 14.50 12.54
CA PHE A 133 21.82 13.75 11.93
C PHE A 133 22.28 14.38 10.63
N SER A 134 21.50 15.26 10.02
CA SER A 134 22.00 15.94 8.84
C SER A 134 23.29 16.72 9.12
N ALA A 135 23.50 17.13 10.35
CA ALA A 135 24.71 17.86 10.72
C ALA A 135 25.95 16.97 10.82
N ALA A 136 25.86 15.69 10.42
CA ALA A 136 27.01 14.80 10.50
C ALA A 136 28.17 15.33 9.68
N MET A 137 27.88 16.06 8.61
CA MET A 137 28.94 16.59 7.77
C MET A 137 29.59 17.83 8.36
N SER A 138 29.09 18.33 9.49
CA SER A 138 29.82 19.32 10.26
C SER A 138 30.87 18.72 11.18
N ILE A 139 30.97 17.39 11.24
CA ILE A 139 32.06 16.73 11.95
C ILE A 139 33.22 16.64 10.96
N ASP A 140 34.32 17.32 11.29
CA ASP A 140 35.36 17.58 10.30
C ASP A 140 35.91 16.29 9.71
N LYS A 141 36.18 15.31 10.55
CA LYS A 141 36.77 14.07 10.04
C LYS A 141 35.80 13.26 9.17
N LEU A 142 34.47 13.36 9.41
CA LEU A 142 33.51 12.67 8.54
C LEU A 142 33.42 13.39 7.19
N SER A 143 33.29 14.70 7.26
CA SER A 143 33.31 15.54 6.07
C SER A 143 34.53 15.27 5.23
N ASP A 144 35.72 15.14 5.85
CA ASP A 144 36.99 14.94 5.13
C ASP A 144 37.01 13.64 4.32
N VAL A 145 36.56 12.54 4.93
CA VAL A 145 36.63 11.26 4.24
C VAL A 145 35.63 11.21 3.08
N VAL A 146 34.44 11.82 3.27
CA VAL A 146 33.46 11.93 2.18
C VAL A 146 34.03 12.75 1.03
N MET A 147 34.61 13.92 1.32
N MET A 147 34.60 13.91 1.30
N MET A 147 34.61 13.91 1.29
CA MET A 147 35.07 14.81 0.26
CA MET A 147 35.04 14.78 0.20
CA MET A 147 35.04 14.75 0.17
C MET A 147 36.31 14.30 -0.47
C MET A 147 36.27 14.21 -0.52
C MET A 147 36.27 14.19 -0.53
N LYS A 148 37.12 13.46 0.18
CA LYS A 148 38.29 12.88 -0.46
C LYS A 148 38.00 11.61 -1.26
N ALA A 149 36.85 10.94 -1.04
CA ALA A 149 36.60 9.66 -1.68
C ALA A 149 36.58 9.82 -3.20
N THR A 150 37.29 8.94 -3.88
CA THR A 150 37.32 8.86 -5.34
C THR A 150 36.51 7.69 -5.88
N GLU A 151 35.96 6.88 -4.99
CA GLU A 151 35.14 5.73 -5.34
C GLU A 151 34.16 5.45 -4.20
N PRO A 152 33.13 4.65 -4.44
CA PRO A 152 32.30 4.16 -3.33
C PRO A 152 33.12 3.48 -2.24
N GLN A 153 32.73 3.72 -0.98
CA GLN A 153 33.54 3.26 0.13
C GLN A 153 32.72 3.30 1.44
N MET A 154 32.85 2.25 2.24
CA MET A 154 32.27 2.16 3.55
C MET A 154 33.39 2.46 4.55
N VAL A 155 33.17 3.44 5.41
CA VAL A 155 34.11 3.71 6.51
C VAL A 155 33.36 3.55 7.84
N LEU A 156 33.99 2.84 8.79
CA LEU A 156 33.41 2.58 10.10
C LEU A 156 33.96 3.51 11.14
N PHE A 157 33.06 4.07 11.97
CA PHE A 157 33.50 4.97 13.02
C PHE A 157 32.76 4.56 14.29
N ASN A 158 33.27 5.01 15.42
CA ASN A 158 32.47 5.06 16.66
C ASN A 158 32.18 6.53 16.94
N ILE A 159 30.94 6.97 16.70
CA ILE A 159 30.63 8.38 16.88
C ILE A 159 30.64 8.84 18.34
N TYR A 160 30.75 7.94 19.31
CA TYR A 160 30.88 8.27 20.74
C TYR A 160 32.36 8.28 21.20
N ASP A 161 33.31 8.09 20.29
CA ASP A 161 34.70 7.97 20.73
C ASP A 161 34.73 6.98 21.90
N ASP A 162 35.29 7.37 23.05
CA ASP A 162 35.43 6.45 24.18
C ASP A 162 34.46 6.75 25.28
N TRP A 163 33.40 7.53 24.98
CA TRP A 163 32.50 8.00 26.04
C TRP A 163 31.85 6.89 26.84
N LEU A 164 31.54 5.75 26.22
CA LEU A 164 30.83 4.67 26.86
C LEU A 164 31.66 4.07 27.97
N ASP A 165 32.96 4.34 27.98
CA ASP A 165 33.75 3.91 29.15
C ASP A 165 33.34 4.64 30.42
N ARG A 166 32.72 5.81 30.29
CA ARG A 166 32.40 6.65 31.43
C ARG A 166 30.93 6.96 31.60
N ILE A 167 30.14 6.90 30.53
CA ILE A 167 28.73 7.22 30.59
C ILE A 167 27.93 6.14 29.90
N SER A 168 26.62 6.18 30.16
CA SER A 168 25.71 5.23 29.54
C SER A 168 25.40 5.62 28.07
N SER A 169 24.88 4.65 27.32
N SER A 169 24.85 4.68 27.31
CA SER A 169 24.44 4.95 25.97
CA SER A 169 24.47 5.00 25.95
C SER A 169 23.40 6.07 25.97
C SER A 169 23.32 6.01 25.91
N TYR A 170 22.43 6.02 26.90
CA TYR A 170 21.43 7.07 26.93
C TYR A 170 22.07 8.44 27.02
N THR A 171 23.12 8.57 27.84
CA THR A 171 23.78 9.87 27.98
C THR A 171 24.64 10.16 26.78
N ALA A 172 25.26 9.12 26.24
CA ALA A 172 26.10 9.33 25.07
C ALA A 172 25.27 9.81 23.89
N PHE A 173 24.10 9.24 23.67
CA PHE A 173 23.22 9.71 22.59
C PHE A 173 22.72 11.10 22.84
N SER A 174 22.33 11.41 24.07
CA SER A 174 21.89 12.77 24.35
C SER A 174 22.99 13.80 24.14
N ARG A 175 24.24 13.48 24.51
CA ARG A 175 25.34 14.37 24.17
C ARG A 175 25.45 14.53 22.65
N LEU A 176 25.38 13.42 21.95
CA LEU A 176 25.61 13.47 20.50
C LEU A 176 24.54 14.33 19.83
N THR A 177 23.30 14.03 20.12
CA THR A 177 22.23 14.88 19.60
C THR A 177 22.36 16.32 20.05
N LEU A 178 22.82 16.59 21.26
CA LEU A 178 23.01 18.01 21.59
C LEU A 178 24.12 18.65 20.73
N LEU A 179 25.25 17.96 20.62
CA LEU A 179 26.30 18.48 19.78
C LEU A 179 25.80 18.68 18.36
N LEU A 180 25.08 17.72 17.81
CA LEU A 180 24.67 17.82 16.40
C LEU A 180 23.59 18.89 16.20
N ARG A 181 22.66 19.00 17.16
CA ARG A 181 21.70 20.10 17.10
C ARG A 181 22.43 21.45 17.07
N ALA A 182 23.44 21.62 17.92
CA ALA A 182 24.14 22.91 17.98
C ALA A 182 24.81 23.18 16.63
N LEU A 183 25.58 22.23 16.16
CA LEU A 183 26.19 22.38 14.86
C LEU A 183 25.16 22.69 13.78
N LYS A 184 23.95 22.17 13.89
CA LYS A 184 22.95 22.44 12.87
C LYS A 184 22.38 23.84 13.00
N THR A 185 22.27 24.37 14.21
N THR A 185 22.29 24.38 14.21
CA THR A 185 21.65 25.67 14.41
CA THR A 185 21.66 25.67 14.39
C THR A 185 22.65 26.80 14.13
C THR A 185 22.65 26.80 14.14
N ASN A 186 23.90 26.61 14.54
CA ASN A 186 24.94 27.62 14.27
C ASN A 186 26.28 26.89 14.27
N GLU A 187 26.71 26.48 13.08
CA GLU A 187 27.91 25.66 13.00
C GLU A 187 29.14 26.40 13.53
N GLU A 188 29.29 27.67 13.21
CA GLU A 188 30.53 28.36 13.57
C GLU A 188 30.64 28.48 15.09
N SER A 189 29.56 28.94 15.72
CA SER A 189 29.57 29.03 17.18
C SER A 189 29.78 27.65 17.78
N ALA A 190 29.02 26.67 17.33
CA ALA A 190 29.22 25.32 17.83
C ALA A 190 30.69 24.91 17.74
N LYS A 191 31.32 25.16 16.59
CA LYS A 191 32.69 24.70 16.41
C LYS A 191 33.63 25.55 17.25
N MET A 192 33.38 26.86 17.32
CA MET A 192 34.17 27.69 18.24
CA MET A 192 34.15 27.70 18.24
C MET A 192 34.13 27.10 19.65
N ILE A 193 32.93 26.79 20.14
CA ILE A 193 32.78 26.22 21.49
C ILE A 193 33.67 25.00 21.66
N LEU A 194 33.70 24.13 20.67
CA LEU A 194 34.36 22.83 20.78
C LEU A 194 35.89 22.94 20.71
N LEU A 195 36.40 23.96 20.08
CA LEU A 195 37.81 24.00 19.75
C LEU A 195 38.49 25.28 20.24
N SER A 196 37.75 26.16 20.92
CA SER A 196 38.34 27.40 21.41
C SER A 196 39.64 27.14 22.17
N ASP A 197 39.67 26.08 22.99
CA ASP A 197 40.77 25.85 23.90
C ASP A 197 41.80 24.95 23.24
N PRO A 198 42.99 25.47 22.88
CA PRO A 198 43.95 24.64 22.14
C PRO A 198 44.48 23.45 22.92
N THR A 199 44.38 23.46 24.25
CA THR A 199 44.99 22.40 25.02
C THR A 199 44.16 21.12 25.05
N ILE A 200 42.91 21.16 24.58
CA ILE A 200 42.05 19.97 24.51
C ILE A 200 42.07 19.51 23.07
N THR A 201 42.72 18.37 22.81
CA THR A 201 42.95 17.93 21.45
C THR A 201 41.95 16.84 21.10
N ILE A 202 41.85 16.55 19.80
CA ILE A 202 41.09 15.41 19.28
C ILE A 202 42.08 14.32 18.96
N LYS A 203 41.95 13.17 19.63
CA LYS A 203 42.89 12.10 19.41
C LYS A 203 42.79 11.67 17.95
N SER A 204 43.91 11.13 17.43
CA SER A 204 43.89 10.70 16.05
C SER A 204 42.72 9.76 15.78
N TYR A 205 42.43 8.87 16.71
CA TYR A 205 41.42 7.84 16.51
C TYR A 205 40.02 8.27 17.03
N HIS A 206 39.79 9.57 17.20
CA HIS A 206 38.52 10.08 17.68
C HIS A 206 37.99 11.16 16.75
N LEU A 207 36.72 11.50 16.99
CA LEU A 207 36.05 12.54 16.24
C LEU A 207 35.92 13.79 17.02
N TRP A 208 35.80 13.69 18.33
CA TRP A 208 35.53 14.84 19.16
C TRP A 208 36.70 15.03 20.12
N PRO A 209 36.77 16.19 20.76
CA PRO A 209 37.91 16.45 21.66
C PRO A 209 37.89 15.61 22.95
N SER A 210 39.07 15.54 23.59
CA SER A 210 39.28 14.68 24.77
C SER A 210 38.92 15.44 26.04
N PHE A 211 37.63 15.73 26.21
CA PHE A 211 37.16 16.51 27.35
C PHE A 211 37.11 15.65 28.60
N THR A 212 37.49 16.21 29.75
CA THR A 212 37.17 15.54 30.98
C THR A 212 35.66 15.60 31.26
N ASP A 213 35.24 14.84 32.28
CA ASP A 213 33.85 14.88 32.74
C ASP A 213 33.43 16.32 33.03
N GLU A 214 34.28 17.07 33.72
CA GLU A 214 33.90 18.42 34.11
C GLU A 214 33.78 19.30 32.88
N GLN A 215 34.76 19.18 31.96
CA GLN A 215 34.75 19.94 30.71
C GLN A 215 33.54 19.58 29.87
N TRP A 216 33.08 18.34 29.89
CA TRP A 216 31.92 18.01 29.08
C TRP A 216 30.68 18.74 29.58
N ILE A 217 30.55 18.88 30.91
CA ILE A 217 29.39 19.59 31.46
C ILE A 217 29.40 21.05 31.01
N THR A 218 30.56 21.71 31.11
CA THR A 218 30.66 23.09 30.63
C THR A 218 30.29 23.16 29.16
N ILE A 219 30.93 22.31 28.35
CA ILE A 219 30.62 22.24 26.92
C ILE A 219 29.12 22.04 26.73
N GLU A 220 28.57 20.99 27.37
CA GLU A 220 27.14 20.73 27.22
C GLU A 220 26.32 21.97 27.58
N SER A 221 26.67 22.64 28.67
N SER A 221 26.67 22.64 28.66
CA SER A 221 25.97 23.86 29.01
CA SER A 221 25.95 23.86 29.01
C SER A 221 26.12 24.91 27.91
C SER A 221 26.12 24.93 27.92
N GLN A 222 27.32 25.05 27.37
CA GLN A 222 27.54 26.06 26.34
C GLN A 222 26.73 25.76 25.08
N MET A 223 26.52 24.50 24.76
CA MET A 223 25.76 24.14 23.57
C MET A 223 24.27 24.34 23.79
N ARG A 224 23.78 24.03 24.98
N ARG A 224 23.78 24.06 24.99
CA ARG A 224 22.41 24.40 25.35
CA ARG A 224 22.39 24.41 25.33
C ARG A 224 22.20 25.90 25.17
C ARG A 224 22.17 25.91 25.20
N ASP A 225 23.05 26.71 25.79
CA ASP A 225 22.96 28.16 25.61
CA ASP A 225 22.98 28.16 25.61
C ASP A 225 22.89 28.51 24.13
N LEU A 226 23.84 28.01 23.33
CA LEU A 226 23.82 28.31 21.90
C LEU A 226 22.45 28.03 21.30
N ILE A 227 21.84 26.90 21.66
CA ILE A 227 20.60 26.51 21.00
C ILE A 227 19.44 27.38 21.49
N LEU A 228 19.35 27.64 22.80
CA LEU A 228 18.40 28.64 23.27
C LEU A 228 18.66 30.01 22.62
N THR A 229 19.91 30.43 22.61
CA THR A 229 20.27 31.68 21.96
C THR A 229 19.68 31.77 20.56
N GLU A 230 20.31 31.10 19.59
CA GLU A 230 19.91 31.17 18.20
C GLU A 230 18.40 31.11 18.06
N TYR A 231 17.73 30.44 19.00
CA TYR A 231 16.27 30.38 19.00
C TYR A 231 15.66 31.73 19.32
N GLY A 232 16.37 32.57 20.07
CA GLY A 232 15.96 33.95 20.23
C GLY A 232 16.23 34.74 18.97
N ARG A 233 17.51 34.95 18.66
CA ARG A 233 17.94 35.58 17.41
C ARG A 233 17.03 35.22 16.26
N LYS A 234 16.55 33.97 16.25
CA LYS A 234 15.59 33.54 15.23
C LYS A 234 14.24 34.19 15.48
N TYR A 235 13.65 33.93 16.64
CA TYR A 235 12.29 34.36 16.93
C TYR A 235 12.21 35.69 17.66
N ASN A 236 13.34 36.37 17.87
CA ASN A 236 13.37 37.63 18.60
C ASN A 236 12.63 37.50 19.94
N VAL A 237 13.28 36.76 20.85
CA VAL A 237 12.75 36.56 22.20
C VAL A 237 13.86 36.81 23.23
N MET B 5 -35.49 -17.29 -22.59
CA MET B 5 -35.71 -16.64 -21.26
C MET B 5 -36.00 -17.68 -20.17
N ASN B 6 -35.30 -17.57 -19.04
CA ASN B 6 -35.37 -18.56 -17.96
C ASN B 6 -36.01 -17.98 -16.70
N THR B 7 -36.26 -18.85 -15.73
CA THR B 7 -37.11 -18.57 -14.57
C THR B 7 -36.45 -19.11 -13.31
N VAL B 8 -36.49 -18.33 -12.21
CA VAL B 8 -36.02 -18.72 -10.84
C VAL B 8 -37.28 -18.74 -9.99
N PRO B 9 -38.04 -19.84 -9.91
CA PRO B 9 -39.27 -19.84 -9.13
C PRO B 9 -39.02 -19.94 -7.63
N PHE B 10 -40.00 -19.59 -6.83
CA PHE B 10 -39.91 -19.59 -5.35
C PHE B 10 -41.02 -20.49 -4.80
N THR B 11 -40.76 -21.22 -3.72
CA THR B 11 -41.74 -22.09 -3.03
C THR B 11 -42.84 -21.15 -2.49
N SER B 12 -42.44 -19.99 -1.96
CA SER B 12 -43.26 -18.93 -1.29
C SER B 12 -42.33 -17.79 -0.85
N ALA B 13 -42.84 -16.77 -0.12
CA ALA B 13 -42.07 -15.66 0.45
C ALA B 13 -42.53 -15.45 1.89
N PRO B 14 -42.04 -16.24 2.83
CA PRO B 14 -42.58 -16.18 4.23
C PRO B 14 -42.14 -15.01 5.09
N ILE B 15 -41.06 -14.33 4.75
CA ILE B 15 -40.63 -13.15 5.50
C ILE B 15 -40.41 -11.99 4.52
N GLU B 16 -40.83 -10.80 4.96
CA GLU B 16 -40.63 -9.57 4.24
C GLU B 16 -39.15 -9.40 3.90
N VAL B 17 -38.89 -9.09 2.63
CA VAL B 17 -37.53 -9.13 2.09
C VAL B 17 -37.50 -8.22 0.87
N THR B 18 -36.42 -7.49 0.73
CA THR B 18 -36.09 -6.84 -0.53
C THR B 18 -35.28 -7.81 -1.41
N ILE B 19 -35.80 -8.09 -2.59
CA ILE B 19 -35.16 -9.02 -3.52
C ILE B 19 -34.54 -8.20 -4.64
N GLY B 20 -33.29 -8.56 -4.96
CA GLY B 20 -32.51 -7.97 -6.07
C GLY B 20 -32.32 -9.04 -7.12
N ILE B 21 -32.39 -8.62 -8.39
CA ILE B 21 -32.02 -9.52 -9.46
C ILE B 21 -31.14 -8.63 -10.37
N ASP B 22 -29.86 -8.93 -10.42
CA ASP B 22 -28.87 -8.07 -11.09
C ASP B 22 -29.08 -6.69 -10.50
N GLN B 23 -29.22 -5.65 -11.33
CA GLN B 23 -29.26 -4.27 -10.87
C GLN B 23 -30.69 -3.81 -10.48
N TYR B 24 -31.66 -4.73 -10.45
CA TYR B 24 -33.05 -4.44 -10.15
C TYR B 24 -33.35 -5.00 -8.76
N SER B 25 -34.39 -4.40 -8.16
CA SER B 25 -34.77 -4.79 -6.80
C SER B 25 -36.23 -4.45 -6.55
N PHE B 26 -36.88 -5.27 -5.73
CA PHE B 26 -38.26 -5.00 -5.41
C PHE B 26 -38.56 -5.54 -4.02
N ASN B 27 -39.56 -4.97 -3.36
CA ASN B 27 -39.98 -5.35 -2.01
C ASN B 27 -41.06 -6.43 -2.07
N VAL B 28 -40.89 -7.48 -1.29
CA VAL B 28 -41.91 -8.52 -1.13
C VAL B 28 -42.35 -8.50 0.34
N LYS B 29 -43.65 -8.41 0.57
CA LYS B 29 -44.15 -8.30 1.95
C LYS B 29 -44.35 -9.67 2.56
N GLU B 30 -44.28 -9.74 3.89
CA GLU B 30 -44.40 -11.00 4.62
C GLU B 30 -45.61 -11.81 4.16
N ASN B 31 -45.36 -13.00 3.64
CA ASN B 31 -46.41 -13.90 3.16
C ASN B 31 -47.18 -13.33 1.96
N GLN B 32 -46.55 -12.48 1.15
CA GLN B 32 -47.17 -12.04 -0.10
C GLN B 32 -47.06 -13.18 -1.11
N PRO B 33 -48.06 -13.31 -2.01
CA PRO B 33 -48.08 -14.44 -2.96
C PRO B 33 -47.11 -14.33 -4.14
N PHE B 34 -45.84 -14.36 -3.82
CA PHE B 34 -44.77 -14.20 -4.77
C PHE B 34 -44.15 -15.55 -5.09
N HIS B 35 -44.02 -15.86 -6.36
CA HIS B 35 -43.46 -17.16 -6.71
C HIS B 35 -42.35 -17.09 -7.77
N GLY B 36 -41.67 -15.96 -7.86
CA GLY B 36 -40.34 -15.95 -8.39
C GLY B 36 -40.20 -14.94 -9.50
N ILE B 37 -39.25 -15.19 -10.36
CA ILE B 37 -38.77 -14.18 -11.30
C ILE B 37 -38.66 -14.87 -12.63
N LYS B 38 -39.23 -14.25 -13.64
CA LYS B 38 -39.28 -14.87 -14.95
C LYS B 38 -38.64 -13.97 -16.00
N ASP B 39 -38.51 -14.52 -17.22
CA ASP B 39 -37.95 -13.79 -18.36
C ASP B 39 -36.51 -13.36 -18.11
N ILE B 40 -35.73 -14.17 -17.43
CA ILE B 40 -34.34 -13.81 -17.13
C ILE B 40 -33.49 -14.06 -18.35
N PRO B 41 -32.68 -13.10 -18.80
CA PRO B 41 -32.03 -13.27 -20.10
C PRO B 41 -30.98 -14.38 -20.05
N ILE B 42 -31.06 -15.29 -20.95
CA ILE B 42 -30.01 -16.28 -21.14
C ILE B 42 -28.79 -15.63 -21.78
N GLY B 43 -27.64 -16.19 -21.42
CA GLY B 43 -26.38 -15.78 -21.95
C GLY B 43 -25.55 -15.04 -20.96
N HIS B 44 -26.07 -14.71 -19.77
CA HIS B 44 -25.33 -13.87 -18.84
C HIS B 44 -25.31 -14.62 -17.54
N VAL B 45 -24.34 -14.32 -16.68
N VAL B 45 -24.28 -14.42 -16.74
CA VAL B 45 -24.38 -14.72 -15.28
CA VAL B 45 -24.44 -14.76 -15.30
C VAL B 45 -25.19 -13.71 -14.50
C VAL B 45 -25.46 -13.81 -14.69
N HIS B 46 -25.95 -14.17 -13.51
CA HIS B 46 -26.96 -13.38 -12.85
C HIS B 46 -26.70 -13.52 -11.35
N VAL B 47 -27.21 -12.57 -10.60
CA VAL B 47 -27.14 -12.68 -9.14
C VAL B 47 -28.50 -12.32 -8.58
N ILE B 48 -29.00 -13.15 -7.68
N ILE B 48 -29.05 -13.20 -7.75
CA ILE B 48 -30.25 -12.84 -7.02
CA ILE B 48 -30.25 -12.91 -6.98
C ILE B 48 -29.95 -12.70 -5.53
C ILE B 48 -29.80 -12.64 -5.56
N HIS B 49 -30.33 -11.58 -4.98
CA HIS B 49 -29.87 -11.21 -3.64
C HIS B 49 -31.00 -10.74 -2.75
N PHE B 50 -30.70 -10.73 -1.42
CA PHE B 50 -31.72 -10.59 -0.38
C PHE B 50 -31.24 -9.68 0.74
N GLN B 51 -32.17 -8.89 1.26
CA GLN B 51 -32.00 -8.12 2.48
C GLN B 51 -33.32 -8.14 3.25
N HIS B 52 -33.31 -8.87 4.34
CA HIS B 52 -34.52 -9.04 5.11
C HIS B 52 -34.97 -7.69 5.66
N ALA B 53 -36.28 -7.53 5.74
CA ALA B 53 -36.85 -6.32 6.31
C ALA B 53 -36.41 -6.16 7.76
N ASP B 54 -36.50 -7.23 8.54
CA ASP B 54 -36.21 -7.12 9.96
C ASP B 54 -34.76 -6.80 10.22
N ASN B 55 -33.85 -7.42 9.47
CA ASN B 55 -32.41 -7.29 9.70
C ASN B 55 -31.76 -6.86 8.40
N SER B 56 -31.60 -5.56 8.23
CA SER B 56 -30.78 -5.05 7.14
C SER B 56 -29.33 -5.55 7.23
N SER B 57 -28.95 -6.13 8.37
CA SER B 57 -27.63 -6.74 8.47
C SER B 57 -27.58 -8.00 7.61
N MET B 58 -26.46 -8.21 6.94
N MET B 58 -26.47 -8.16 6.90
CA MET B 58 -26.28 -9.33 6.03
CA MET B 58 -26.25 -9.30 6.02
C MET B 58 -27.17 -9.19 4.79
C MET B 58 -27.13 -9.24 4.78
N ARG B 59 -26.70 -8.51 3.75
CA ARG B 59 -27.16 -8.76 2.39
C ARG B 59 -26.51 -10.09 1.99
N TYR B 60 -27.21 -10.93 1.22
CA TYR B 60 -26.66 -12.18 0.73
C TYR B 60 -27.33 -12.53 -0.57
N GLY B 61 -26.78 -13.54 -1.19
CA GLY B 61 -27.25 -13.84 -2.56
C GLY B 61 -26.49 -14.97 -3.25
N TYR B 62 -26.88 -15.19 -4.53
CA TYR B 62 -26.55 -16.41 -5.28
C TYR B 62 -26.23 -15.99 -6.72
N TRP B 63 -24.95 -16.19 -7.09
CA TRP B 63 -24.52 -16.12 -8.48
C TRP B 63 -24.91 -17.39 -9.23
N PHE B 64 -25.46 -17.23 -10.41
CA PHE B 64 -25.90 -18.44 -11.09
C PHE B 64 -26.00 -18.16 -12.59
N ASP B 65 -26.11 -19.22 -13.38
CA ASP B 65 -26.21 -19.17 -14.85
C ASP B 65 -27.31 -20.18 -15.18
N CYS B 66 -28.45 -19.71 -15.71
CA CYS B 66 -29.61 -20.56 -15.99
C CYS B 66 -29.29 -21.68 -16.97
N ARG B 67 -28.20 -21.57 -17.70
CA ARG B 67 -27.87 -22.65 -18.60
C ARG B 67 -27.33 -23.85 -17.85
N MET B 68 -26.97 -23.69 -16.58
N MET B 68 -26.95 -23.69 -16.59
CA MET B 68 -26.28 -24.72 -15.83
CA MET B 68 -26.28 -24.73 -15.83
C MET B 68 -27.22 -25.51 -14.90
C MET B 68 -27.22 -25.54 -14.95
N GLY B 69 -28.52 -25.37 -15.10
CA GLY B 69 -29.48 -26.16 -14.34
C GLY B 69 -30.72 -25.37 -14.00
N ASN B 70 -31.71 -26.07 -13.46
CA ASN B 70 -32.96 -25.47 -13.02
C ASN B 70 -32.86 -25.13 -11.52
N PHE B 71 -33.07 -23.85 -11.18
CA PHE B 71 -32.84 -23.36 -9.81
C PHE B 71 -34.11 -22.76 -9.27
N TYR B 72 -34.43 -23.04 -8.00
CA TYR B 72 -35.61 -22.53 -7.29
C TYR B 72 -35.14 -21.98 -5.94
N ILE B 73 -35.91 -21.11 -5.32
CA ILE B 73 -35.55 -20.60 -3.97
C ILE B 73 -36.64 -21.07 -2.98
N GLN B 74 -36.25 -21.60 -1.82
CA GLN B 74 -37.20 -21.95 -0.74
C GLN B 74 -36.62 -21.33 0.52
N TYR B 75 -37.36 -20.49 1.22
CA TYR B 75 -36.90 -19.99 2.53
C TYR B 75 -36.73 -21.19 3.49
N ASP B 76 -35.71 -21.17 4.33
CA ASP B 76 -35.36 -22.14 5.35
C ASP B 76 -35.60 -21.54 6.74
N PRO B 77 -36.68 -21.94 7.41
CA PRO B 77 -37.01 -21.28 8.71
C PRO B 77 -36.05 -21.69 9.85
N LYS B 78 -35.22 -22.71 9.62
CA LYS B 78 -34.23 -23.08 10.63
C LYS B 78 -33.02 -22.17 10.49
N ASP B 79 -32.43 -22.10 9.28
CA ASP B 79 -31.31 -21.20 9.06
C ASP B 79 -31.73 -19.76 8.81
N GLY B 80 -33.00 -19.50 8.55
CA GLY B 80 -33.40 -18.12 8.48
C GLY B 80 -32.95 -17.43 7.18
N LEU B 81 -32.87 -18.16 6.12
CA LEU B 81 -32.65 -17.41 4.88
C LEU B 81 -33.27 -18.08 3.67
N TYR B 82 -33.41 -17.27 2.65
CA TYR B 82 -33.80 -17.71 1.31
C TYR B 82 -32.66 -18.49 0.67
N LYS B 83 -32.88 -19.77 0.38
CA LYS B 83 -31.79 -20.62 -0.08
C LYS B 83 -32.00 -20.95 -1.55
N MET B 84 -30.94 -20.89 -2.32
CA MET B 84 -31.05 -21.40 -3.69
C MET B 84 -30.84 -22.90 -3.69
N MET B 85 -31.67 -23.57 -4.50
CA MET B 85 -31.73 -25.04 -4.69
C MET B 85 -31.66 -25.41 -6.18
N GLU B 86 -31.36 -26.68 -6.46
CA GLU B 86 -31.48 -27.25 -7.83
C GLU B 86 -32.60 -28.30 -7.82
N GLU B 87 -33.55 -28.26 -8.77
CA GLU B 87 -34.59 -29.32 -8.88
C GLU B 87 -34.06 -30.32 -9.89
N ARG B 88 -33.65 -31.51 -9.48
CA ARG B 88 -33.00 -32.49 -10.39
C ARG B 88 -33.93 -32.89 -11.55
N ASP B 89 -35.21 -32.99 -11.22
CA ASP B 89 -36.32 -33.52 -12.00
C ASP B 89 -36.82 -32.43 -12.95
N GLY B 90 -36.32 -32.46 -14.17
CA GLY B 90 -36.63 -31.40 -15.10
C GLY B 90 -38.11 -31.23 -15.35
N ALA B 91 -38.80 -32.37 -15.44
CA ALA B 91 -40.24 -32.46 -15.74
C ALA B 91 -41.01 -31.73 -14.64
N LYS B 92 -40.69 -31.98 -13.37
CA LYS B 92 -41.43 -31.36 -12.22
C LYS B 92 -41.20 -29.86 -12.28
N PHE B 93 -39.99 -29.45 -12.59
CA PHE B 93 -39.68 -28.01 -12.66
C PHE B 93 -40.57 -27.35 -13.70
N GLU B 94 -40.66 -27.91 -14.91
CA GLU B 94 -41.51 -27.31 -15.98
C GLU B 94 -42.95 -27.28 -15.49
N ASN B 95 -43.44 -28.36 -14.90
CA ASN B 95 -44.85 -28.47 -14.43
C ASN B 95 -45.13 -27.45 -13.32
N ILE B 96 -44.23 -27.28 -12.34
CA ILE B 96 -44.41 -26.30 -11.22
C ILE B 96 -44.32 -24.85 -11.76
N VAL B 97 -43.38 -24.58 -12.65
CA VAL B 97 -43.13 -23.22 -13.20
C VAL B 97 -44.28 -22.78 -14.09
N HIS B 98 -44.75 -23.65 -14.99
CA HIS B 98 -45.91 -23.35 -15.82
C HIS B 98 -47.13 -23.01 -14.98
N ASN B 99 -47.35 -23.79 -13.93
CA ASN B 99 -48.41 -23.56 -12.92
C ASN B 99 -48.31 -22.11 -12.41
N PHE B 100 -47.11 -21.68 -12.00
CA PHE B 100 -46.81 -20.32 -11.43
C PHE B 100 -47.02 -19.22 -12.47
N LYS B 101 -46.66 -19.48 -13.72
CA LYS B 101 -46.77 -18.46 -14.82
C LYS B 101 -48.23 -18.27 -15.24
N GLU B 102 -49.01 -19.32 -15.32
CA GLU B 102 -50.44 -19.26 -15.62
C GLU B 102 -51.18 -18.41 -14.58
N ARG B 103 -50.86 -18.58 -13.29
CA ARG B 103 -51.46 -17.81 -12.23
C ARG B 103 -50.77 -16.47 -12.02
N GLN B 104 -49.77 -16.14 -12.86
CA GLN B 104 -49.12 -14.83 -12.90
C GLN B 104 -48.59 -14.39 -11.54
N MET B 105 -47.90 -15.30 -10.86
CA MET B 105 -47.32 -15.00 -9.56
C MET B 105 -45.81 -14.75 -9.65
N MET B 106 -45.32 -14.27 -10.80
CA MET B 106 -43.91 -13.99 -10.94
C MET B 106 -43.66 -12.60 -11.51
N VAL B 107 -42.63 -12.00 -11.04
CA VAL B 107 -42.21 -10.70 -11.52
C VAL B 107 -41.39 -10.98 -12.77
N SER B 108 -41.45 -10.04 -13.66
CA SER B 108 -40.71 -10.13 -14.92
C SER B 108 -39.38 -9.38 -14.85
N TYR B 109 -38.30 -10.08 -15.15
CA TYR B 109 -37.01 -9.40 -15.23
C TYR B 109 -37.17 -8.21 -16.18
N PRO B 110 -36.93 -6.99 -15.76
CA PRO B 110 -37.46 -5.85 -16.52
C PRO B 110 -36.44 -5.20 -17.40
N LYS B 111 -35.93 -5.90 -18.41
CA LYS B 111 -34.88 -5.34 -19.24
C LYS B 111 -35.49 -4.48 -20.33
N ILE B 112 -35.07 -3.21 -20.37
CA ILE B 112 -35.33 -2.33 -21.51
C ILE B 112 -34.46 -2.73 -22.69
N ASP B 113 -35.00 -2.66 -23.88
CA ASP B 113 -34.30 -3.25 -25.03
C ASP B 113 -33.09 -2.44 -25.48
N GLU B 114 -33.00 -1.16 -25.15
CA GLU B 114 -31.82 -0.36 -25.40
C GLU B 114 -30.67 -0.64 -24.43
N ASP B 115 -30.91 -1.37 -23.34
CA ASP B 115 -30.05 -1.35 -22.17
C ASP B 115 -29.05 -2.50 -22.20
N ASP B 116 -27.76 -2.15 -22.33
CA ASP B 116 -26.67 -3.11 -22.25
C ASP B 116 -25.97 -3.06 -20.89
N THR B 117 -26.54 -2.37 -19.92
CA THR B 117 -25.88 -2.29 -18.60
C THR B 117 -25.41 -3.61 -18.07
N TRP B 118 -26.24 -4.64 -18.03
CA TRP B 118 -25.79 -5.85 -17.37
C TRP B 118 -24.69 -6.52 -18.16
N TYR B 119 -24.89 -6.63 -19.45
CA TYR B 119 -23.82 -7.17 -20.25
C TYR B 119 -22.52 -6.44 -19.96
N ASN B 120 -22.60 -5.12 -19.91
CA ASN B 120 -21.37 -4.35 -19.79
C ASN B 120 -20.72 -4.57 -18.44
N LEU B 121 -21.50 -4.88 -17.43
CA LEU B 121 -20.91 -5.15 -16.11
C LEU B 121 -20.41 -6.58 -15.92
N THR B 122 -20.83 -7.49 -16.79
CA THR B 122 -20.57 -8.91 -16.61
C THR B 122 -19.84 -9.49 -17.81
N GLU B 123 -19.38 -8.64 -18.72
CA GLU B 123 -18.80 -9.06 -20.01
C GLU B 123 -17.84 -10.22 -19.90
N PHE B 124 -16.98 -10.18 -18.90
CA PHE B 124 -15.91 -11.16 -18.74
C PHE B 124 -16.10 -12.07 -17.53
N VAL B 125 -17.25 -12.03 -16.94
CA VAL B 125 -17.58 -12.86 -15.79
C VAL B 125 -18.16 -14.18 -16.28
N GLN B 126 -17.59 -15.29 -15.82
N GLN B 126 -17.56 -15.28 -15.82
CA GLN B 126 -18.00 -16.62 -16.20
CA GLN B 126 -17.98 -16.62 -16.18
C GLN B 126 -18.23 -17.45 -14.95
C GLN B 126 -18.25 -17.41 -14.92
N MET B 127 -19.33 -18.22 -14.93
CA MET B 127 -19.68 -19.00 -13.75
C MET B 127 -18.54 -19.91 -13.33
N ASP B 128 -17.84 -20.51 -14.30
CA ASP B 128 -16.78 -21.43 -13.95
C ASP B 128 -15.73 -20.75 -13.09
N LYS B 129 -15.44 -19.48 -13.35
CA LYS B 129 -14.39 -18.80 -12.58
C LYS B 129 -14.92 -18.33 -11.23
N ILE B 130 -16.19 -17.87 -11.22
CA ILE B 130 -16.86 -17.54 -9.95
C ILE B 130 -16.74 -18.70 -8.95
N ARG B 131 -16.94 -19.93 -9.43
CA ARG B 131 -16.95 -21.09 -8.54
C ARG B 131 -15.58 -21.43 -8.03
N LYS B 132 -14.52 -20.99 -8.72
CA LYS B 132 -13.16 -21.13 -8.20
C LYS B 132 -12.85 -20.07 -7.16
N ILE B 133 -13.49 -18.92 -7.23
CA ILE B 133 -13.34 -17.92 -6.18
C ILE B 133 -14.22 -18.26 -4.96
N VAL B 134 -15.42 -18.77 -5.20
CA VAL B 134 -16.35 -19.13 -4.14
C VAL B 134 -16.41 -20.66 -4.09
N ARG B 135 -15.68 -21.27 -3.19
CA ARG B 135 -15.52 -22.72 -3.21
C ARG B 135 -16.67 -23.39 -2.49
N LYS B 136 -17.56 -23.99 -3.26
CA LYS B 136 -18.65 -24.81 -2.74
C LYS B 136 -19.10 -25.74 -3.86
N ASP B 137 -18.29 -26.77 -4.13
CA ASP B 137 -18.30 -27.44 -5.42
C ASP B 137 -19.56 -28.28 -5.65
N GLU B 138 -20.30 -28.63 -4.59
CA GLU B 138 -21.49 -29.45 -4.79
C GLU B 138 -22.64 -28.67 -5.43
N ASN B 139 -22.59 -27.35 -5.45
CA ASN B 139 -23.63 -26.54 -6.07
C ASN B 139 -23.11 -25.82 -7.31
N GLN B 140 -23.98 -25.71 -8.30
CA GLN B 140 -23.71 -25.00 -9.55
C GLN B 140 -23.82 -23.48 -9.42
N PHE B 141 -24.38 -23.00 -8.32
CA PHE B 141 -24.55 -21.60 -8.03
C PHE B 141 -23.65 -21.31 -6.85
N SER B 142 -23.36 -20.04 -6.62
CA SER B 142 -22.40 -19.61 -5.60
C SER B 142 -23.00 -18.58 -4.63
N TYR B 143 -22.94 -18.85 -3.35
CA TYR B 143 -23.45 -17.93 -2.35
C TYR B 143 -22.39 -16.92 -1.92
N VAL B 144 -22.75 -15.64 -1.84
CA VAL B 144 -21.91 -14.57 -1.29
C VAL B 144 -22.77 -13.77 -0.32
N ASP B 145 -22.12 -13.27 0.75
CA ASP B 145 -22.74 -12.26 1.63
C ASP B 145 -21.76 -11.13 2.05
N SER B 146 -22.30 -10.20 2.84
CA SER B 146 -21.58 -9.00 3.22
C SER B 146 -20.33 -9.34 4.00
N SER B 147 -20.36 -10.41 4.78
CA SER B 147 -19.36 -10.58 5.83
C SER B 147 -18.25 -11.50 5.35
N MET B 148 -18.41 -12.15 4.21
CA MET B 148 -17.37 -13.09 3.77
C MET B 148 -16.07 -12.35 3.54
N THR B 149 -15.01 -12.89 4.14
CA THR B 149 -13.66 -12.38 4.01
C THR B 149 -12.94 -13.08 2.88
N THR B 150 -11.89 -12.44 2.41
CA THR B 150 -11.04 -12.94 1.34
C THR B 150 -9.82 -13.71 1.89
N VAL B 151 -9.19 -14.49 1.00
CA VAL B 151 -7.99 -15.25 1.37
C VAL B 151 -6.91 -14.33 1.90
N GLN B 152 -6.69 -13.18 1.24
CA GLN B 152 -5.68 -12.25 1.73
C GLN B 152 -6.10 -11.65 3.07
N GLU B 153 -7.40 -11.46 3.30
CA GLU B 153 -7.85 -10.94 4.58
C GLU B 153 -7.53 -11.90 5.71
N ASN B 154 -7.60 -13.22 5.45
CA ASN B 154 -7.26 -14.25 6.42
C ASN B 154 -5.76 -14.44 6.58
N GLU B 155 -4.95 -13.81 5.74
CA GLU B 155 -3.51 -13.78 5.91
C GLU B 155 -3.06 -12.60 6.76
N LEU B 156 -3.94 -11.64 7.02
CA LEU B 156 -3.60 -10.45 7.81
C LEU B 156 -4.39 -10.45 9.11
N SER B 161 -11.83 -16.30 9.47
CA SER B 161 -10.80 -17.29 9.79
C SER B 161 -11.23 -18.68 9.33
N ASP B 162 -12.49 -18.81 8.90
CA ASP B 162 -13.08 -20.06 8.41
C ASP B 162 -12.79 -20.22 6.92
N PRO B 163 -11.85 -21.09 6.54
CA PRO B 163 -11.40 -21.09 5.13
C PRO B 163 -12.47 -21.48 4.11
N ALA B 164 -13.54 -22.17 4.53
CA ALA B 164 -14.52 -22.68 3.58
C ALA B 164 -15.47 -21.60 3.06
N HIS B 165 -15.69 -20.55 3.86
CA HIS B 165 -16.64 -19.48 3.58
C HIS B 165 -15.93 -18.24 3.04
N SER B 166 -14.79 -18.41 2.39
CA SER B 166 -13.97 -17.29 1.97
C SER B 166 -14.18 -16.99 0.49
N LEU B 167 -13.74 -15.78 0.09
CA LEU B 167 -13.62 -15.38 -1.31
C LEU B 167 -12.14 -15.52 -1.72
N ASN B 168 -11.85 -16.52 -2.55
N ASN B 168 -11.87 -16.50 -2.58
CA ASN B 168 -10.46 -16.79 -2.96
CA ASN B 168 -10.51 -16.82 -3.02
C ASN B 168 -10.08 -15.97 -4.19
C ASN B 168 -10.11 -15.96 -4.23
N TYR B 169 -10.06 -14.65 -4.00
CA TYR B 169 -9.59 -13.76 -5.04
C TYR B 169 -8.08 -13.94 -5.22
N THR B 170 -7.56 -13.53 -6.36
CA THR B 170 -6.13 -13.61 -6.59
C THR B 170 -5.41 -12.61 -5.70
N VAL B 171 -4.43 -13.05 -4.93
CA VAL B 171 -3.76 -12.13 -4.03
C VAL B 171 -2.78 -11.23 -4.79
N ILE B 172 -2.95 -9.93 -4.58
CA ILE B 172 -2.15 -8.85 -5.17
C ILE B 172 -1.56 -8.07 -4.00
N ASN B 173 -0.24 -7.88 -4.00
CA ASN B 173 0.40 -7.18 -2.88
C ASN B 173 1.67 -6.52 -3.43
N PHE B 174 1.63 -5.19 -3.47
CA PHE B 174 2.64 -4.43 -4.20
C PHE B 174 3.97 -4.48 -3.53
N LYS B 175 3.99 -4.85 -2.26
CA LYS B 175 5.24 -4.96 -1.50
C LYS B 175 5.42 -6.43 -1.13
N SER B 176 5.71 -7.23 -2.12
CA SER B 176 5.80 -8.67 -1.97
C SER B 176 6.91 -9.13 -2.90
N ARG B 177 7.59 -10.19 -2.48
CA ARG B 177 8.60 -10.74 -3.37
C ARG B 177 8.00 -11.17 -4.69
N GLU B 178 6.70 -11.53 -4.73
CA GLU B 178 6.11 -11.87 -6.02
C GLU B 178 6.15 -10.67 -6.96
N ALA B 179 5.96 -9.48 -6.39
CA ALA B 179 5.75 -8.27 -7.19
C ALA B 179 7.05 -7.58 -7.53
N ILE B 180 8.15 -7.96 -6.89
CA ILE B 180 9.38 -7.19 -6.95
C ILE B 180 10.51 -8.14 -7.30
N ARG B 181 11.15 -7.88 -8.44
CA ARG B 181 12.27 -8.71 -8.86
C ARG B 181 13.52 -8.31 -8.08
N PRO B 182 14.26 -9.27 -7.51
CA PRO B 182 15.56 -8.93 -6.90
C PRO B 182 16.42 -8.12 -7.85
N GLY B 183 16.92 -6.98 -7.37
CA GLY B 183 17.73 -6.10 -8.17
C GLY B 183 16.95 -5.16 -9.07
N HIS B 184 15.61 -5.28 -9.11
CA HIS B 184 14.75 -4.31 -9.78
C HIS B 184 13.79 -3.66 -8.79
N GLU B 185 14.18 -3.56 -7.53
CA GLU B 185 13.31 -3.08 -6.47
C GLU B 185 12.66 -1.74 -6.85
N MET B 186 13.47 -0.74 -7.18
CA MET B 186 12.91 0.57 -7.51
C MET B 186 12.15 0.52 -8.81
N GLU B 187 12.72 -0.17 -9.80
CA GLU B 187 12.07 -0.21 -11.10
C GLU B 187 10.69 -0.85 -10.97
N ASP B 188 10.61 -1.95 -10.25
CA ASP B 188 9.36 -2.70 -10.22
C ASP B 188 8.36 -2.12 -9.25
N PHE B 189 8.81 -1.38 -8.24
CA PHE B 189 7.85 -0.79 -7.32
C PHE B 189 7.21 0.47 -7.91
N LEU B 190 7.94 1.22 -8.71
CA LEU B 190 7.42 2.44 -9.30
C LEU B 190 6.74 2.22 -10.65
N ASP B 191 6.94 1.06 -11.30
CA ASP B 191 6.39 0.70 -12.60
C ASP B 191 6.08 -0.79 -12.45
N LYS B 192 4.79 -1.10 -12.28
CA LYS B 192 4.37 -2.47 -11.97
C LYS B 192 4.15 -3.30 -13.19
N SER B 193 4.71 -2.92 -14.34
CA SER B 193 4.39 -3.68 -15.55
C SER B 193 4.81 -5.11 -15.47
N TYR B 194 5.93 -5.43 -14.80
N TYR B 194 5.96 -5.41 -14.81
N TYR B 194 5.95 -5.42 -14.82
CA TYR B 194 6.36 -6.83 -14.72
CA TYR B 194 6.41 -6.77 -14.64
CA TYR B 194 6.38 -6.81 -14.69
C TYR B 194 5.40 -7.66 -13.87
C TYR B 194 5.39 -7.61 -13.89
C TYR B 194 5.36 -7.62 -13.91
N TYR B 195 4.87 -7.08 -12.79
CA TYR B 195 3.86 -7.78 -11.99
C TYR B 195 2.52 -7.97 -12.76
N LEU B 196 2.08 -6.91 -13.45
CA LEU B 196 0.86 -7.01 -14.24
C LEU B 196 1.06 -8.01 -15.35
N ASN B 197 2.07 -7.80 -16.19
CA ASN B 197 2.10 -8.56 -17.43
C ASN B 197 2.70 -9.94 -17.27
N THR B 198 3.82 -10.05 -16.55
CA THR B 198 4.47 -11.34 -16.46
C THR B 198 3.90 -12.18 -15.33
N VAL B 199 3.84 -11.62 -14.12
CA VAL B 199 3.41 -12.41 -12.97
C VAL B 199 1.92 -12.72 -13.10
N MET B 200 1.12 -11.70 -13.35
CA MET B 200 -0.33 -11.86 -13.22
C MET B 200 -0.98 -12.29 -14.52
N LEU B 201 -0.84 -11.49 -15.58
CA LEU B 201 -1.48 -11.82 -16.83
C LEU B 201 -0.92 -13.12 -17.42
N GLN B 202 0.39 -13.16 -17.71
N GLN B 202 0.38 -13.16 -17.71
CA GLN B 202 0.97 -14.37 -18.29
CA GLN B 202 0.95 -14.37 -18.30
C GLN B 202 0.96 -15.53 -17.30
C GLN B 202 0.98 -15.53 -17.31
N GLY B 203 1.33 -15.26 -16.05
CA GLY B 203 1.47 -16.31 -15.06
C GLY B 203 0.21 -16.89 -14.44
N ILE B 204 -0.64 -16.03 -13.89
CA ILE B 204 -1.74 -16.48 -13.06
C ILE B 204 -3.06 -16.49 -13.82
N PHE B 205 -3.37 -15.40 -14.52
CA PHE B 205 -4.69 -15.23 -15.15
C PHE B 205 -4.70 -15.80 -16.55
N LYS B 206 -3.54 -15.86 -17.21
CA LYS B 206 -3.35 -16.39 -18.55
C LYS B 206 -3.74 -15.37 -19.64
N ASN B 207 -4.84 -14.64 -19.43
CA ASN B 207 -5.24 -13.62 -20.40
C ASN B 207 -5.97 -12.48 -19.68
N SER B 208 -6.18 -11.38 -20.41
CA SER B 208 -6.82 -10.21 -19.82
C SER B 208 -8.31 -10.44 -19.55
N SER B 209 -8.93 -11.40 -20.21
CA SER B 209 -10.36 -11.61 -20.00
C SER B 209 -10.63 -12.19 -18.61
N ASN B 210 -9.79 -13.15 -18.17
CA ASN B 210 -9.88 -13.71 -16.82
C ASN B 210 -9.61 -12.62 -15.79
N TYR B 211 -8.57 -11.79 -16.05
CA TYR B 211 -8.27 -10.66 -15.17
C TYR B 211 -9.46 -9.73 -15.05
N PHE B 212 -10.00 -9.31 -16.20
CA PHE B 212 -11.15 -8.42 -16.15
C PHE B 212 -12.34 -9.09 -15.50
N GLY B 213 -12.51 -10.39 -15.68
CA GLY B 213 -13.71 -11.05 -15.15
C GLY B 213 -13.69 -11.06 -13.61
N GLU B 214 -12.53 -11.37 -13.03
CA GLU B 214 -12.35 -11.27 -11.57
C GLU B 214 -12.58 -9.86 -11.06
N LEU B 215 -11.98 -8.90 -11.74
CA LEU B 215 -12.18 -7.48 -11.45
C LEU B 215 -13.65 -7.11 -11.48
N GLN B 216 -14.38 -7.52 -12.53
CA GLN B 216 -15.79 -7.19 -12.55
C GLN B 216 -16.58 -7.88 -11.42
N PHE B 217 -16.27 -9.15 -11.15
CA PHE B 217 -16.92 -9.90 -10.08
C PHE B 217 -16.62 -9.27 -8.74
N ALA B 218 -15.39 -8.79 -8.52
CA ALA B 218 -15.07 -8.12 -7.25
C ALA B 218 -15.93 -6.87 -7.08
N PHE B 219 -16.03 -6.06 -8.14
CA PHE B 219 -16.86 -4.87 -8.08
C PHE B 219 -18.29 -5.21 -7.73
N LEU B 220 -18.85 -6.23 -8.40
CA LEU B 220 -20.29 -6.52 -8.19
C LEU B 220 -20.52 -7.02 -6.76
N ASN B 221 -19.57 -7.74 -6.16
CA ASN B 221 -19.77 -8.23 -4.79
CA ASN B 221 -19.79 -8.22 -4.81
C ASN B 221 -19.71 -7.07 -3.82
N ALA B 222 -18.83 -6.11 -4.10
CA ALA B 222 -18.78 -4.88 -3.32
C ALA B 222 -20.06 -4.09 -3.44
N MET B 223 -20.55 -3.90 -4.64
CA MET B 223 -21.71 -3.04 -4.77
C MET B 223 -22.96 -3.70 -4.26
N PHE B 224 -23.11 -4.98 -4.56
CA PHE B 224 -24.34 -5.61 -4.21
C PHE B 224 -24.37 -6.03 -2.76
N PHE B 225 -23.26 -6.50 -2.18
CA PHE B 225 -23.27 -7.00 -0.78
C PHE B 225 -22.55 -6.10 0.20
N GLY B 226 -22.00 -4.99 -0.26
CA GLY B 226 -21.09 -4.20 0.59
C GLY B 226 -20.01 -5.06 1.17
N ASN B 227 -19.49 -5.98 0.37
CA ASN B 227 -18.42 -6.86 0.77
C ASN B 227 -17.09 -6.09 0.73
N TYR B 228 -16.56 -5.81 1.92
CA TYR B 228 -15.41 -4.90 2.00
C TYR B 228 -14.20 -5.47 1.26
N GLY B 229 -13.92 -6.77 1.42
CA GLY B 229 -12.73 -7.35 0.80
C GLY B 229 -12.81 -7.40 -0.71
N SER B 230 -14.00 -7.58 -1.24
CA SER B 230 -14.22 -7.43 -2.68
C SER B 230 -13.89 -6.02 -3.13
N SER B 231 -14.32 -5.02 -2.34
CA SER B 231 -14.03 -3.64 -2.69
C SER B 231 -12.53 -3.42 -2.77
N LEU B 232 -11.77 -3.91 -1.79
CA LEU B 232 -10.32 -3.87 -1.80
C LEU B 232 -9.74 -4.52 -3.05
N GLN B 233 -10.28 -5.67 -3.45
CA GLN B 233 -9.76 -6.42 -4.58
C GLN B 233 -9.99 -5.67 -5.89
N TRP B 234 -11.17 -5.05 -6.04
CA TRP B 234 -11.50 -4.27 -7.26
C TRP B 234 -10.53 -3.11 -7.37
N HIS B 235 -10.30 -2.44 -6.25
CA HIS B 235 -9.39 -1.29 -6.30
C HIS B 235 -7.96 -1.71 -6.55
N ALA B 236 -7.53 -2.84 -5.97
CA ALA B 236 -6.19 -3.32 -6.22
C ALA B 236 -5.99 -3.63 -7.68
N MET B 237 -6.98 -4.22 -8.32
CA MET B 237 -6.75 -4.63 -9.69
C MET B 237 -6.76 -3.46 -10.65
N ILE B 238 -7.49 -2.41 -10.35
CA ILE B 238 -7.39 -1.16 -11.09
C ILE B 238 -6.02 -0.55 -10.89
N GLU B 239 -5.61 -0.47 -9.65
CA GLU B 239 -4.35 0.20 -9.38
C GLU B 239 -3.19 -0.53 -10.04
N LEU B 240 -3.27 -1.87 -10.13
CA LEU B 240 -2.15 -2.61 -10.68
C LEU B 240 -1.99 -2.28 -12.15
N ILE B 241 -3.10 -2.06 -12.86
CA ILE B 241 -3.04 -1.61 -14.26
C ILE B 241 -2.63 -0.15 -14.32
N CYS B 242 -3.20 0.72 -13.48
CA CYS B 242 -2.91 2.15 -13.66
C CYS B 242 -1.45 2.46 -13.33
N SER B 243 -0.86 1.65 -12.48
CA SER B 243 0.51 1.86 -12.05
C SER B 243 1.54 1.13 -12.90
N SER B 244 1.15 0.66 -14.07
CA SER B 244 2.02 -0.05 -14.99
C SER B 244 2.23 0.87 -16.17
N ALA B 245 3.49 1.16 -16.50
CA ALA B 245 3.80 1.99 -17.66
C ALA B 245 3.48 1.29 -18.97
N THR B 246 3.47 -0.03 -18.97
CA THR B 246 3.41 -0.81 -20.20
C THR B 246 2.18 -1.71 -20.10
N VAL B 247 1.13 -1.31 -20.79
CA VAL B 247 -0.15 -2.04 -20.76
C VAL B 247 -0.67 -2.15 -22.19
N PRO B 248 -1.07 -3.33 -22.64
CA PRO B 248 -1.58 -3.41 -24.02
C PRO B 248 -2.71 -2.41 -24.25
N LYS B 249 -2.75 -1.84 -25.46
CA LYS B 249 -3.63 -0.72 -25.74
C LYS B 249 -5.07 -1.16 -25.64
N HIS B 250 -5.35 -2.41 -26.02
CA HIS B 250 -6.71 -2.91 -25.97
C HIS B 250 -7.19 -3.13 -24.53
N MET B 251 -6.26 -3.46 -23.63
CA MET B 251 -6.61 -3.63 -22.23
C MET B 251 -7.01 -2.31 -21.60
N LEU B 252 -6.33 -1.22 -21.94
CA LEU B 252 -6.68 0.10 -21.41
C LEU B 252 -8.00 0.57 -21.99
N ASP B 253 -8.19 0.38 -23.29
CA ASP B 253 -9.46 0.76 -23.88
C ASP B 253 -10.60 0.03 -23.19
N LYS B 254 -10.42 -1.27 -22.99
CA LYS B 254 -11.49 -2.06 -22.40
C LYS B 254 -11.68 -1.67 -20.93
N LEU B 255 -10.57 -1.52 -20.20
CA LEU B 255 -10.64 -1.08 -18.78
C LEU B 255 -11.45 0.21 -18.64
N ASP B 256 -11.17 1.20 -19.50
CA ASP B 256 -11.95 2.44 -19.48
C ASP B 256 -13.47 2.20 -19.66
N GLU B 257 -13.86 1.24 -20.52
CA GLU B 257 -15.28 0.88 -20.69
C GLU B 257 -15.85 0.22 -19.40
N ILE B 258 -15.11 -0.75 -18.89
CA ILE B 258 -15.50 -1.50 -17.72
C ILE B 258 -15.80 -0.57 -16.58
N LEU B 259 -14.86 0.33 -16.29
CA LEU B 259 -14.93 1.19 -15.12
C LEU B 259 -16.02 2.19 -15.32
N TYR B 260 -16.16 2.62 -16.58
CA TYR B 260 -17.19 3.59 -16.93
C TYR B 260 -18.57 3.08 -16.51
N TYR B 261 -18.89 1.84 -16.91
CA TYR B 261 -20.19 1.29 -16.57
C TYR B 261 -20.29 0.98 -15.09
N GLN B 262 -19.21 0.65 -14.43
CA GLN B 262 -19.29 0.43 -13.00
C GLN B 262 -19.63 1.72 -12.27
N ILE B 263 -18.95 2.80 -12.66
CA ILE B 263 -19.17 4.09 -12.04
C ILE B 263 -20.56 4.57 -12.37
N LYS B 264 -20.99 4.35 -13.63
CA LYS B 264 -22.36 4.74 -14.01
C LYS B 264 -23.43 4.05 -13.15
N THR B 265 -23.20 2.81 -12.76
CA THR B 265 -24.20 1.99 -12.11
C THR B 265 -24.17 2.14 -10.60
N LEU B 266 -23.03 2.49 -10.01
CA LEU B 266 -22.95 2.63 -8.57
C LEU B 266 -24.07 3.52 -8.04
N PRO B 267 -24.79 3.13 -7.01
CA PRO B 267 -25.73 4.06 -6.37
C PRO B 267 -24.99 5.27 -5.83
N GLU B 268 -25.55 6.44 -6.11
CA GLU B 268 -24.96 7.71 -5.71
C GLU B 268 -24.74 7.74 -4.21
N GLN B 269 -25.69 7.20 -3.45
CA GLN B 269 -25.62 7.30 -2.00
C GLN B 269 -24.55 6.38 -1.40
N TYR B 270 -23.97 5.47 -2.18
CA TYR B 270 -22.97 4.54 -1.67
C TYR B 270 -21.57 4.89 -2.14
N SER B 271 -21.41 6.00 -2.87
CA SER B 271 -20.11 6.30 -3.41
C SER B 271 -19.08 6.53 -2.33
N ASP B 272 -19.49 7.04 -1.15
CA ASP B 272 -18.54 7.39 -0.10
C ASP B 272 -17.82 6.18 0.45
N ILE B 273 -18.40 4.99 0.36
CA ILE B 273 -17.83 3.79 0.95
C ILE B 273 -17.33 2.81 -0.09
N LEU B 274 -17.80 2.90 -1.33
CA LEU B 274 -17.35 1.99 -2.37
C LEU B 274 -16.18 2.55 -3.18
N LEU B 275 -15.88 3.83 -3.05
CA LEU B 275 -14.86 4.42 -3.89
C LEU B 275 -13.72 4.91 -3.01
N ASN B 276 -12.53 4.46 -3.29
CA ASN B 276 -11.35 4.82 -2.51
C ASN B 276 -10.71 6.06 -3.10
N GLU B 277 -10.82 7.18 -2.38
CA GLU B 277 -10.28 8.45 -2.86
C GLU B 277 -8.84 8.34 -3.32
N ARG B 278 -7.99 7.70 -2.52
CA ARG B 278 -6.56 7.65 -2.86
C ARG B 278 -6.34 6.93 -4.17
N VAL B 279 -7.00 5.78 -4.36
CA VAL B 279 -6.78 5.00 -5.57
C VAL B 279 -7.25 5.79 -6.78
N TRP B 280 -8.44 6.36 -6.70
CA TRP B 280 -9.03 7.02 -7.87
C TRP B 280 -8.23 8.24 -8.27
N ASN B 281 -7.90 9.09 -7.29
CA ASN B 281 -7.10 10.26 -7.61
C ASN B 281 -5.75 9.84 -8.21
N ILE B 282 -5.11 8.84 -7.62
CA ILE B 282 -3.85 8.35 -8.17
C ILE B 282 -4.07 7.87 -9.59
N CYS B 283 -5.05 6.99 -9.81
CA CYS B 283 -5.23 6.39 -11.14
C CYS B 283 -5.57 7.45 -12.17
N LEU B 284 -6.40 8.42 -11.82
CA LEU B 284 -6.87 9.40 -12.80
C LEU B 284 -5.88 10.54 -13.01
N TYR B 285 -5.06 10.85 -12.01
CA TYR B 285 -4.31 12.10 -12.04
C TYR B 285 -2.82 11.95 -11.87
N SER B 286 -2.32 10.86 -11.28
CA SER B 286 -0.89 10.73 -11.05
C SER B 286 -0.24 9.57 -11.79
N SER B 287 -1.00 8.56 -12.18
CA SER B 287 -0.43 7.30 -12.62
C SER B 287 0.00 7.35 -14.08
N PHE B 288 0.73 6.33 -14.50
CA PHE B 288 1.16 6.24 -15.90
C PHE B 288 -0.03 6.40 -16.83
N GLN B 289 -1.18 5.85 -16.42
CA GLN B 289 -2.35 5.75 -17.27
C GLN B 289 -3.34 6.90 -17.04
N LYS B 290 -2.87 8.00 -16.44
CA LYS B 290 -3.70 9.14 -16.08
C LYS B 290 -4.43 9.74 -17.27
N ASN B 291 -3.89 9.53 -18.48
CA ASN B 291 -4.41 10.11 -19.71
C ASN B 291 -5.11 9.07 -20.55
N SER B 292 -5.29 7.85 -20.01
CA SER B 292 -5.74 6.72 -20.82
C SER B 292 -7.17 6.32 -20.54
N LEU B 293 -7.85 6.98 -19.62
CA LEU B 293 -9.18 6.52 -19.18
C LEU B 293 -10.13 7.67 -19.43
N HIS B 294 -10.29 8.06 -20.67
CA HIS B 294 -11.06 9.25 -20.97
C HIS B 294 -12.50 9.11 -20.50
N ASN B 295 -13.12 7.98 -20.74
CA ASN B 295 -14.54 7.87 -20.42
C ASN B 295 -14.72 7.83 -18.91
N THR B 296 -13.87 7.05 -18.28
CA THR B 296 -13.98 6.92 -16.83
C THR B 296 -13.70 8.25 -16.13
N GLU B 297 -12.65 8.95 -16.54
CA GLU B 297 -12.37 10.23 -15.90
C GLU B 297 -13.52 11.21 -16.11
N LYS B 298 -14.12 11.19 -17.31
CA LYS B 298 -15.21 12.14 -17.53
C LYS B 298 -16.42 11.86 -16.66
N ILE B 299 -16.83 10.61 -16.54
CA ILE B 299 -18.00 10.35 -15.70
C ILE B 299 -17.67 10.61 -14.23
N MET B 300 -16.49 10.19 -13.81
CA MET B 300 -16.09 10.39 -12.41
C MET B 300 -16.14 11.86 -12.03
N GLU B 301 -15.61 12.72 -12.90
CA GLU B 301 -15.57 14.15 -12.65
C GLU B 301 -16.94 14.81 -12.76
N ASN B 302 -17.89 14.24 -13.44
CA ASN B 302 -19.18 14.91 -13.53
C ASN B 302 -20.14 14.37 -12.48
N LYS B 303 -19.85 13.21 -11.94
CA LYS B 303 -20.74 12.56 -10.99
C LYS B 303 -20.22 12.61 -9.57
N TYR B 304 -18.91 12.47 -9.38
CA TYR B 304 -18.28 12.48 -8.05
C TYR B 304 -17.08 13.41 -8.00
N PRO B 305 -17.24 14.69 -8.39
CA PRO B 305 -16.14 15.64 -8.27
C PRO B 305 -15.70 15.82 -6.85
N GLU B 306 -16.59 15.54 -5.90
CA GLU B 306 -16.23 15.62 -4.47
C GLU B 306 -15.07 14.70 -4.14
N LEU B 307 -15.13 13.46 -4.63
CA LEU B 307 -14.05 12.52 -4.35
C LEU B 307 -12.70 13.02 -4.88
N LEU B 308 -12.69 13.94 -5.82
CA LEU B 308 -11.44 14.35 -6.45
C LEU B 308 -11.22 15.84 -6.20
C7 VHO C . -39.15 -29.47 -3.48
C8 VHO C . -38.35 -31.62 -2.58
C9 VHO C . -39.35 -31.57 -1.47
O1 VHO C . -39.48 -28.96 -2.42
C1 VHO C . -39.20 -27.14 -6.91
C5 VHO C . -39.78 -25.14 -7.99
C6 VHO C . -39.28 -28.72 -4.80
C4 VHO C . -40.35 -24.72 -6.80
C3 VHO C . -40.40 -25.48 -5.61
C2 VHO C . -39.79 -26.68 -5.67
N VHO C . -38.60 -30.73 -3.64
C10 VHO C . -37.97 -30.99 -1.26
O VHO C . -39.57 -27.42 -4.58
F VHO C . -40.81 -23.52 -6.77
C VHO C . -39.20 -26.38 -8.05
#